data_3DWR
#
_entry.id   3DWR
#
_cell.length_a   75.487
_cell.length_b   48.060
_cell.length_c   84.442
_cell.angle_alpha   90.00
_cell.angle_beta   90.06
_cell.angle_gamma   90.00
#
_symmetry.space_group_name_H-M   'P 1 21 1'
#
loop_
_entity.id
_entity.type
_entity.pdbx_description
1 polymer 'Coproporphyrinogen III oxidase'
2 non-polymer 'ACETATE ION'
3 non-polymer 'cyclopentylacetic acid'
4 water water
#
_entity_poly.entity_id   1
_entity_poly.type   'polypeptide(L)'
_entity_poly.pdbx_seq_one_letter_code
;MAHHHHHHMSLAVEAVKDFLLKLQDDICEALEAEDGQATFVEDKWTREGGGGGRTRVMVDGAVIEKGGVNFSHVYGKGLP
MSSTERHPDIAGCNFEAMGVSLVIHPKNPHVPTSHANVRLFVAEREGKEPVWWFGGGFDLTPYYAVEEDCRDFHQVAQDL
CKPFGADVYARFKGWCDEYFFIPYRNEARGIGGLFFDDLNEWPFEKCFEFVQAVGKGYMDAYIPIVNRRKNTPYTEQQVE
FQEFRRGRYAEFNLVIDRGTKFGLQSGGRTESILISLPPRARWGYNWQPEPGTPEARLTEYFLTKRQWV
;
_entity_poly.pdbx_strand_id   A,B
#
loop_
_chem_comp.id
_chem_comp.type
_chem_comp.name
_chem_comp.formula
0PA non-polymer 'cyclopentylacetic acid' 'C7 H12 O2'
ACT non-polymer 'ACETATE ION' 'C2 H3 O2 -1'
#
# COMPACT_ATOMS: atom_id res chain seq x y z
N MET A 9 -29.69 24.84 -5.81
CA MET A 9 -28.48 24.39 -5.07
C MET A 9 -27.16 24.94 -5.62
N SER A 10 -27.19 25.63 -6.76
CA SER A 10 -25.97 26.15 -7.38
C SER A 10 -25.22 27.12 -6.46
N LEU A 11 -25.92 28.10 -5.91
CA LEU A 11 -25.30 29.08 -5.03
C LEU A 11 -24.76 28.42 -3.76
N ALA A 12 -25.55 27.53 -3.16
CA ALA A 12 -25.12 26.79 -1.97
C ALA A 12 -23.85 26.01 -2.26
N VAL A 13 -23.85 25.29 -3.37
CA VAL A 13 -22.68 24.47 -3.74
C VAL A 13 -21.45 25.33 -4.06
N GLU A 14 -21.67 26.48 -4.71
CA GLU A 14 -20.59 27.44 -4.96
C GLU A 14 -19.99 27.96 -3.66
N ALA A 15 -20.84 28.20 -2.66
CA ALA A 15 -20.37 28.69 -1.36
C ALA A 15 -19.49 27.64 -0.69
N VAL A 16 -19.90 26.37 -0.80
CA VAL A 16 -19.07 25.26 -0.30
C VAL A 16 -17.72 25.23 -1.02
N LYS A 17 -17.72 25.31 -2.36
CA LYS A 17 -16.46 25.37 -3.12
C LYS A 17 -15.53 26.48 -2.65
N ASP A 18 -16.10 27.69 -2.50
CA ASP A 18 -15.31 28.84 -2.04
C ASP A 18 -14.68 28.59 -0.70
N PHE A 19 -15.45 28.01 0.22
CA PHE A 19 -14.95 27.68 1.55
C PHE A 19 -13.78 26.69 1.44
N LEU A 20 -13.95 25.64 0.65
CA LEU A 20 -12.93 24.61 0.52
C LEU A 20 -11.60 25.14 -0.06
N LEU A 21 -11.68 25.96 -1.10
CA LEU A 21 -10.47 26.54 -1.68
C LEU A 21 -9.74 27.45 -0.67
N LYS A 22 -10.50 28.22 0.11
CA LYS A 22 -9.90 29.06 1.12
C LYS A 22 -9.27 28.23 2.24
N LEU A 23 -9.97 27.18 2.67
CA LEU A 23 -9.47 26.30 3.71
C LEU A 23 -8.13 25.69 3.29
N GLN A 24 -8.04 25.26 2.02
CA GLN A 24 -6.81 24.69 1.50
C GLN A 24 -5.64 25.68 1.70
N ASP A 25 -5.86 26.93 1.33
CA ASP A 25 -4.81 27.94 1.47
C ASP A 25 -4.51 28.22 2.95
N ASP A 26 -5.55 28.34 3.77
CA ASP A 26 -5.39 28.63 5.20
C ASP A 26 -4.60 27.56 5.93
N ILE A 27 -4.88 26.29 5.60
CA ILE A 27 -4.16 25.17 6.22
C ILE A 27 -2.71 25.18 5.80
N CYS A 28 -2.46 25.43 4.53
CA CYS A 28 -1.09 25.51 4.05
C CYS A 28 -0.34 26.61 4.77
N GLU A 29 -0.98 27.78 4.93
CA GLU A 29 -0.37 28.91 5.65
C GLU A 29 -0.04 28.52 7.09
N ALA A 30 -0.99 27.88 7.78
CA ALA A 30 -0.80 27.53 9.19
C ALA A 30 0.39 26.59 9.36
N LEU A 31 0.50 25.63 8.44
CA LEU A 31 1.56 24.63 8.52
C LEU A 31 2.91 25.26 8.20
N GLU A 32 2.97 26.08 7.16
CA GLU A 32 4.23 26.74 6.82
C GLU A 32 4.69 27.71 7.90
N ALA A 33 3.76 28.35 8.62
CA ALA A 33 4.14 29.23 9.70
C ALA A 33 4.94 28.48 10.77
N GLU A 34 4.67 27.19 10.95
CA GLU A 34 5.42 26.40 11.93
C GLU A 34 6.76 25.92 11.40
N ASP A 35 6.84 25.73 10.10
CA ASP A 35 8.00 25.12 9.47
C ASP A 35 9.04 26.16 9.14
N GLY A 36 8.67 27.13 8.31
CA GLY A 36 9.55 28.20 7.93
C GLY A 36 10.35 27.99 6.67
N GLN A 37 10.45 26.74 6.20
CA GLN A 37 11.25 26.48 5.01
C GLN A 37 10.89 25.27 4.15
N ALA A 38 9.61 24.92 4.11
CA ALA A 38 9.18 23.83 3.25
C ALA A 38 9.03 24.36 1.84
N THR A 39 9.34 23.52 0.88
CA THR A 39 9.16 23.85 -0.53
C THR A 39 7.75 23.48 -0.94
N PHE A 40 7.04 24.42 -1.55
CA PHE A 40 5.67 24.18 -1.99
C PHE A 40 5.59 23.95 -3.50
N VAL A 41 4.73 23.00 -3.84
CA VAL A 41 4.49 22.57 -5.20
C VAL A 41 2.98 22.68 -5.40
N GLU A 42 2.56 22.96 -6.63
CA GLU A 42 1.14 23.03 -6.93
C GLU A 42 0.88 22.38 -8.26
N ASP A 43 -0.21 21.62 -8.34
CA ASP A 43 -0.72 21.12 -9.59
C ASP A 43 -2.21 21.43 -9.68
N LYS A 44 -2.64 21.88 -10.85
CA LYS A 44 -4.04 22.15 -11.12
C LYS A 44 -4.41 21.49 -12.43
N TRP A 45 -5.62 20.97 -12.51
CA TRP A 45 -6.10 20.34 -13.71
C TRP A 45 -7.62 20.44 -13.76
N THR A 46 -8.15 20.15 -14.94
CA THR A 46 -9.60 20.05 -15.15
C THR A 46 -9.89 18.79 -15.93
N ARG A 47 -11.17 18.44 -15.97
CA ARG A 47 -11.64 17.24 -16.66
C ARG A 47 -12.69 17.57 -17.69
N GLU A 48 -12.72 16.80 -18.77
CA GLU A 48 -13.71 17.04 -19.82
C GLU A 48 -15.15 17.07 -19.30
N GLY A 49 -15.51 16.18 -18.39
CA GLY A 49 -16.89 16.22 -17.86
C GLY A 49 -17.26 17.54 -17.19
N GLY A 50 -16.25 18.28 -16.75
CA GLY A 50 -16.44 19.35 -15.80
C GLY A 50 -15.64 18.95 -14.57
N GLY A 51 -15.34 19.93 -13.73
CA GLY A 51 -14.61 19.64 -12.50
C GLY A 51 -13.11 19.58 -12.73
N GLY A 52 -12.42 19.14 -11.71
CA GLY A 52 -10.97 19.15 -11.70
C GLY A 52 -10.43 19.16 -10.29
N GLY A 53 -9.23 19.71 -10.14
CA GLY A 53 -8.60 19.80 -8.83
C GLY A 53 -7.41 20.72 -8.74
N ARG A 54 -6.98 20.91 -7.50
CA ARG A 54 -5.83 21.71 -7.16
C ARG A 54 -5.16 21.00 -5.98
N THR A 55 -3.91 20.60 -6.15
CA THR A 55 -3.17 19.94 -5.10
C THR A 55 -2.00 20.83 -4.73
N ARG A 56 -1.87 21.11 -3.44
CA ARG A 56 -0.73 21.82 -2.90
C ARG A 56 0.04 20.86 -2.03
N VAL A 57 1.34 20.79 -2.21
CA VAL A 57 2.17 19.85 -1.44
C VAL A 57 3.39 20.57 -0.87
N MET A 58 3.64 20.41 0.43
CA MET A 58 4.83 20.98 1.07
C MET A 58 5.81 19.86 1.36
N VAL A 59 7.06 20.06 0.98
CA VAL A 59 8.04 18.99 1.10
C VAL A 59 9.38 19.55 1.61
N ASP A 60 10.13 18.66 2.25
CA ASP A 60 11.51 18.91 2.63
C ASP A 60 11.67 20.16 3.47
N GLY A 61 10.74 20.33 4.40
CA GLY A 61 10.82 21.44 5.32
C GLY A 61 11.63 21.09 6.55
N ALA A 62 11.72 22.05 7.45
CA ALA A 62 12.38 21.83 8.72
C ALA A 62 11.51 20.96 9.64
N VAL A 63 10.22 20.95 9.35
CA VAL A 63 9.22 20.30 10.17
C VAL A 63 8.36 19.31 9.37
N ILE A 64 7.87 19.74 8.22
CA ILE A 64 7.01 18.89 7.38
C ILE A 64 7.84 18.29 6.24
N GLU A 65 7.94 16.96 6.25
CA GLU A 65 8.69 16.23 5.25
C GLU A 65 7.87 16.07 3.99
N LYS A 66 6.60 15.73 4.16
CA LYS A 66 5.67 15.57 3.05
C LYS A 66 4.27 15.85 3.56
N GLY A 67 3.66 16.93 3.09
CA GLY A 67 2.32 17.33 3.55
C GLY A 67 1.50 17.78 2.36
N GLY A 68 0.43 17.06 2.06
CA GLY A 68 -0.38 17.33 0.89
C GLY A 68 -1.75 17.80 1.28
N VAL A 69 -2.25 18.79 0.55
CA VAL A 69 -3.63 19.28 0.73
C VAL A 69 -4.27 19.33 -0.66
N ASN A 70 -5.27 18.48 -0.87
CA ASN A 70 -5.91 18.32 -2.17
C ASN A 70 -7.31 18.89 -2.14
N PHE A 71 -7.65 19.63 -3.19
CA PHE A 71 -9.04 20.02 -3.46
C PHE A 71 -9.45 19.30 -4.74
N SER A 72 -10.62 18.70 -4.75
CA SER A 72 -11.16 18.17 -5.98
C SER A 72 -12.65 18.41 -6.13
N HIS A 73 -13.06 18.41 -7.38
CA HIS A 73 -14.44 18.65 -7.74
C HIS A 73 -14.73 17.68 -8.88
N VAL A 74 -15.67 16.76 -8.64
CA VAL A 74 -15.92 15.65 -9.55
C VAL A 74 -17.37 15.68 -10.03
N TYR A 75 -17.57 15.37 -11.31
CA TYR A 75 -18.90 15.12 -11.84
C TYR A 75 -18.87 13.70 -12.38
N GLY A 76 -19.89 12.92 -12.08
CA GLY A 76 -19.98 11.55 -12.56
C GLY A 76 -21.40 11.04 -12.46
N GLY A 92 -26.50 4.56 -10.59
CA GLY A 92 -26.80 4.92 -11.98
C GLY A 92 -27.11 6.39 -12.20
N CYS A 93 -27.10 7.17 -11.12
CA CYS A 93 -27.51 8.58 -11.17
C CYS A 93 -26.31 9.52 -11.25
N ASN A 94 -26.52 10.66 -11.89
CA ASN A 94 -25.48 11.69 -12.01
C ASN A 94 -25.23 12.32 -10.65
N PHE A 95 -23.97 12.62 -10.37
CA PHE A 95 -23.64 13.29 -9.13
C PHE A 95 -22.55 14.32 -9.32
N GLU A 96 -22.45 15.19 -8.32
CA GLU A 96 -21.39 16.17 -8.21
C GLU A 96 -20.82 15.98 -6.81
N ALA A 97 -19.51 16.05 -6.69
CA ALA A 97 -18.87 15.98 -5.37
C ALA A 97 -17.69 16.93 -5.31
N MET A 98 -17.42 17.46 -4.12
CA MET A 98 -16.25 18.29 -3.94
C MET A 98 -15.72 18.13 -2.55
N GLY A 99 -14.43 18.34 -2.37
CA GLY A 99 -13.90 18.22 -1.03
C GLY A 99 -12.43 18.52 -0.96
N VAL A 100 -11.97 18.62 0.28
CA VAL A 100 -10.57 18.76 0.59
C VAL A 100 -10.14 17.57 1.42
N SER A 101 -8.95 17.04 1.11
CA SER A 101 -8.34 15.95 1.85
C SER A 101 -6.89 16.31 2.08
N LEU A 102 -6.36 16.00 3.25
CA LEU A 102 -4.98 16.31 3.54
C LEU A 102 -4.38 15.28 4.44
N VAL A 103 -3.08 15.06 4.25
CA VAL A 103 -2.26 14.21 5.11
C VAL A 103 -0.91 14.86 5.28
N ILE A 104 -0.49 14.98 6.54
CA ILE A 104 0.75 15.64 6.91
C ILE A 104 1.66 14.64 7.61
N HIS A 105 2.85 14.47 7.04
CA HIS A 105 3.89 13.57 7.56
C HIS A 105 5.08 14.39 7.98
N PRO A 106 5.23 14.65 9.30
CA PRO A 106 6.39 15.42 9.76
C PRO A 106 7.70 14.66 9.66
N LYS A 107 8.80 15.42 9.62
CA LYS A 107 10.13 14.86 9.66
C LYS A 107 10.44 14.28 11.06
N ASN A 108 10.08 15.01 12.10
CA ASN A 108 10.40 14.63 13.46
C ASN A 108 9.41 13.56 13.95
N PRO A 109 9.93 12.39 14.35
CA PRO A 109 9.02 11.37 14.90
C PRO A 109 8.11 11.83 16.06
N HIS A 110 8.53 12.87 16.78
CA HIS A 110 7.74 13.35 17.91
C HIS A 110 6.56 14.24 17.52
N VAL A 111 6.46 14.59 16.24
CA VAL A 111 5.25 15.28 15.73
C VAL A 111 4.40 14.24 15.04
N PRO A 112 3.15 14.04 15.50
CA PRO A 112 2.29 13.05 14.85
C PRO A 112 1.99 13.36 13.39
N THR A 113 1.79 12.31 12.61
CA THR A 113 1.13 12.44 11.34
C THR A 113 -0.34 12.84 11.63
N SER A 114 -0.98 13.53 10.70
CA SER A 114 -2.40 13.84 10.86
C SER A 114 -3.08 13.88 9.51
N HIS A 115 -4.40 13.84 9.55
CA HIS A 115 -5.23 13.76 8.34
C HIS A 115 -6.54 14.50 8.60
N ALA A 116 -7.07 15.13 7.57
CA ALA A 116 -8.38 15.76 7.65
C ALA A 116 -9.07 15.69 6.29
N ASN A 117 -10.40 15.76 6.31
CA ASN A 117 -11.19 15.72 5.09
C ASN A 117 -12.49 16.46 5.34
N VAL A 118 -12.96 17.21 4.35
CA VAL A 118 -14.32 17.72 4.35
C VAL A 118 -14.83 17.57 2.93
N ARG A 119 -16.05 17.05 2.78
CA ARG A 119 -16.59 16.79 1.46
C ARG A 119 -18.10 16.92 1.41
N LEU A 120 -18.58 17.18 0.19
CA LEU A 120 -20.00 17.31 -0.10
C LEU A 120 -20.31 16.49 -1.34
N PHE A 121 -21.38 15.68 -1.28
CA PHE A 121 -21.92 14.97 -2.44
C PHE A 121 -23.34 15.45 -2.73
N VAL A 122 -23.68 15.60 -4.00
CA VAL A 122 -25.04 15.92 -4.43
C VAL A 122 -25.37 14.97 -5.58
N ALA A 123 -26.44 14.21 -5.43
CA ALA A 123 -26.83 13.23 -6.45
C ALA A 123 -28.27 13.45 -6.89
N GLU A 124 -28.49 13.50 -8.20
CA GLU A 124 -29.84 13.66 -8.75
C GLU A 124 -30.65 12.38 -8.49
N ARG A 125 -31.96 12.54 -8.35
CA ARG A 125 -32.87 11.42 -8.21
C ARG A 125 -34.04 11.66 -9.16
N GLU A 126 -34.57 10.60 -9.77
CA GLU A 126 -35.74 10.80 -10.64
C GLU A 126 -36.99 11.02 -9.81
N GLY A 127 -37.78 12.00 -10.20
CA GLY A 127 -39.06 12.28 -9.58
C GLY A 127 -38.98 12.97 -8.23
N LYS A 128 -37.79 13.43 -7.87
CA LYS A 128 -37.59 14.14 -6.60
C LYS A 128 -36.35 15.03 -6.55
N GLU A 129 -36.25 15.81 -5.49
CA GLU A 129 -35.13 16.71 -5.31
C GLU A 129 -33.85 15.90 -5.12
N PRO A 130 -32.69 16.49 -5.45
CA PRO A 130 -31.44 15.76 -5.30
C PRO A 130 -31.18 15.40 -3.86
N VAL A 131 -30.45 14.32 -3.65
CA VAL A 131 -30.01 13.94 -2.32
C VAL A 131 -28.61 14.52 -2.14
N TRP A 132 -28.33 15.08 -0.97
CA TRP A 132 -26.98 15.59 -0.71
C TRP A 132 -26.56 15.08 0.65
N TRP A 133 -25.25 15.05 0.86
CA TRP A 133 -24.72 14.81 2.19
C TRP A 133 -23.29 15.29 2.31
N PHE A 134 -22.86 15.52 3.54
CA PHE A 134 -21.48 15.89 3.83
C PHE A 134 -20.78 14.73 4.52
N GLY A 135 -19.46 14.77 4.45
CA GLY A 135 -18.64 13.83 5.19
C GLY A 135 -17.34 14.53 5.55
N GLY A 136 -16.58 13.91 6.43
CA GLY A 136 -15.31 14.49 6.79
C GLY A 136 -14.82 14.02 8.12
N GLY A 137 -13.87 14.78 8.67
CA GLY A 137 -13.27 14.45 9.94
C GLY A 137 -11.83 14.90 10.04
N PHE A 138 -11.24 14.64 11.19
CA PHE A 138 -9.79 14.74 11.31
C PHE A 138 -9.31 13.72 12.33
N ASP A 139 -8.04 13.36 12.24
CA ASP A 139 -7.48 12.34 13.12
C ASP A 139 -5.97 12.47 13.27
N LEU A 140 -5.48 11.94 14.39
CA LEU A 140 -4.06 12.05 14.77
C LEU A 140 -3.41 10.69 14.82
N THR A 141 -2.19 10.60 14.24
CA THR A 141 -1.44 9.37 14.14
C THR A 141 -0.05 9.57 14.75
N PRO A 142 0.06 9.45 16.08
CA PRO A 142 1.37 9.58 16.71
C PRO A 142 2.30 8.42 16.46
N TYR A 143 3.56 8.66 16.78
CA TYR A 143 4.58 7.62 16.83
C TYR A 143 5.05 7.46 18.28
N TYR A 144 5.47 8.56 18.88
CA TYR A 144 5.77 8.67 20.29
C TYR A 144 4.71 9.60 20.88
N ALA A 145 3.59 9.01 21.27
CA ALA A 145 2.42 9.78 21.71
C ALA A 145 2.66 10.41 23.07
N VAL A 146 1.90 11.48 23.34
CA VAL A 146 1.91 12.17 24.63
C VAL A 146 0.47 12.35 25.08
N GLU A 147 0.16 11.95 26.32
CA GLU A 147 -1.24 11.96 26.78
C GLU A 147 -1.87 13.34 26.68
N GLU A 148 -1.14 14.36 27.12
CA GLU A 148 -1.67 15.72 27.12
C GLU A 148 -2.06 16.15 25.69
N ASP A 149 -1.25 15.76 24.71
CA ASP A 149 -1.51 16.13 23.32
C ASP A 149 -2.76 15.42 22.79
N CYS A 150 -2.91 14.15 23.14
CA CYS A 150 -4.09 13.40 22.73
C CYS A 150 -5.35 13.98 23.35
N ARG A 151 -5.27 14.34 24.62
CA ARG A 151 -6.40 14.98 25.29
C ARG A 151 -6.75 16.31 24.63
N ASP A 152 -5.74 17.13 24.38
CA ASP A 152 -6.00 18.43 23.76
C ASP A 152 -6.68 18.28 22.41
N PHE A 153 -6.21 17.31 21.63
CA PHE A 153 -6.68 17.07 20.26
C PHE A 153 -8.17 16.73 20.31
N HIS A 154 -8.53 15.79 21.17
CA HIS A 154 -9.92 15.43 21.39
C HIS A 154 -10.77 16.55 22.00
N GLN A 155 -10.17 17.37 22.87
CA GLN A 155 -10.94 18.44 23.48
C GLN A 155 -11.39 19.45 22.44
N VAL A 156 -10.51 19.75 21.48
CA VAL A 156 -10.86 20.66 20.40
C VAL A 156 -12.02 20.07 19.62
N ALA A 157 -11.96 18.77 19.35
CA ALA A 157 -13.05 18.07 18.65
C ALA A 157 -14.35 18.12 19.46
N GLN A 158 -14.26 17.82 20.74
CA GLN A 158 -15.48 17.84 21.57
C GLN A 158 -16.07 19.25 21.62
N ASP A 159 -15.23 20.25 21.79
CA ASP A 159 -15.70 21.63 21.92
C ASP A 159 -16.38 22.13 20.64
N LEU A 160 -15.84 21.78 19.48
CA LEU A 160 -16.44 22.25 18.21
C LEU A 160 -17.79 21.57 17.94
N CYS A 161 -17.97 20.34 18.45
CA CYS A 161 -19.21 19.60 18.22
C CYS A 161 -20.36 20.07 19.10
N LYS A 162 -20.03 20.60 20.27
CA LYS A 162 -21.01 20.90 21.30
C LYS A 162 -22.17 21.76 20.79
N PRO A 163 -21.89 22.85 20.05
CA PRO A 163 -23.01 23.68 19.54
C PRO A 163 -23.99 22.97 18.59
N PHE A 164 -23.59 21.82 18.04
CA PHE A 164 -24.40 21.14 17.04
C PHE A 164 -25.28 20.04 17.63
N GLY A 165 -24.97 19.62 18.85
CA GLY A 165 -25.74 18.58 19.52
C GLY A 165 -24.95 17.88 20.59
N ALA A 166 -25.66 17.44 21.63
CA ALA A 166 -25.02 16.84 22.78
C ALA A 166 -24.34 15.49 22.52
N ASP A 167 -24.74 14.79 21.47
CA ASP A 167 -24.18 13.45 21.18
C ASP A 167 -23.25 13.43 19.97
N VAL A 168 -23.05 14.59 19.36
CA VAL A 168 -22.29 14.67 18.12
C VAL A 168 -20.83 14.22 18.29
N TYR A 169 -20.14 14.75 19.29
CA TYR A 169 -18.76 14.29 19.55
C TYR A 169 -18.73 12.77 19.80
N ALA A 170 -19.62 12.27 20.66
CA ALA A 170 -19.60 10.84 20.97
C ALA A 170 -19.80 9.99 19.71
N ARG A 171 -20.75 10.40 18.87
CA ARG A 171 -21.04 9.69 17.62
C ARG A 171 -19.85 9.66 16.68
N PHE A 172 -19.27 10.83 16.42
CA PHE A 172 -18.26 10.95 15.38
C PHE A 172 -16.86 10.56 15.88
N LYS A 173 -16.62 10.72 17.17
CA LYS A 173 -15.44 10.13 17.78
C LYS A 173 -15.49 8.60 17.68
N GLY A 174 -16.63 8.00 18.00
CA GLY A 174 -16.79 6.54 17.93
C GLY A 174 -16.64 6.04 16.50
N TRP A 175 -17.23 6.76 15.57
CA TRP A 175 -17.15 6.39 14.16
C TRP A 175 -15.69 6.42 13.68
N CYS A 176 -14.93 7.42 14.15
CA CYS A 176 -13.51 7.55 13.80
C CYS A 176 -12.75 6.32 14.29
N ASP A 177 -13.07 5.86 15.50
CA ASP A 177 -12.43 4.66 16.05
C ASP A 177 -12.80 3.41 15.22
N GLU A 178 -14.04 3.36 14.75
CA GLU A 178 -14.51 2.21 13.97
C GLU A 178 -13.85 2.15 12.58
N TYR A 179 -13.70 3.32 11.97
CA TYR A 179 -13.24 3.42 10.58
C TYR A 179 -11.74 3.23 10.46
N PHE A 180 -10.99 3.96 11.29
CA PHE A 180 -9.53 3.94 11.21
C PHE A 180 -8.93 2.79 12.04
N PHE A 181 -9.16 1.59 11.53
CA PHE A 181 -8.80 0.36 12.21
C PHE A 181 -8.40 -0.64 11.14
N ILE A 182 -7.34 -1.39 11.43
CA ILE A 182 -6.81 -2.40 10.52
C ILE A 182 -7.22 -3.76 11.07
N PRO A 183 -8.32 -4.33 10.54
CA PRO A 183 -8.88 -5.52 11.19
C PRO A 183 -7.93 -6.71 11.19
N TYR A 184 -7.19 -6.91 10.10
CA TYR A 184 -6.30 -8.07 9.99
C TYR A 184 -5.04 -7.96 10.85
N ARG A 185 -4.78 -6.79 11.44
CA ARG A 185 -3.75 -6.65 12.48
C ARG A 185 -4.32 -6.35 13.86
N ASN A 186 -5.65 -6.28 13.95
CA ASN A 186 -6.33 -5.89 15.19
C ASN A 186 -5.73 -4.64 15.79
N GLU A 187 -5.54 -3.60 14.97
CA GLU A 187 -4.81 -2.42 15.43
C GLU A 187 -5.41 -1.13 14.91
N ALA A 188 -5.61 -0.15 15.79
CA ALA A 188 -6.06 1.18 15.40
C ALA A 188 -4.97 1.86 14.60
N ARG A 189 -5.36 2.77 13.72
CA ARG A 189 -4.39 3.55 12.95
C ARG A 189 -3.76 4.62 13.83
N GLY A 190 -4.58 5.24 14.67
CA GLY A 190 -4.12 6.35 15.50
C GLY A 190 -4.91 6.48 16.78
N ILE A 191 -4.92 7.69 17.33
CA ILE A 191 -5.60 7.96 18.59
C ILE A 191 -6.99 8.56 18.36
N GLY A 192 -7.38 8.66 17.10
CA GLY A 192 -8.73 9.08 16.76
C GLY A 192 -8.91 10.56 16.52
N GLY A 193 -10.15 11.00 16.71
CA GLY A 193 -10.59 12.32 16.31
C GLY A 193 -12.07 12.26 15.96
N LEU A 194 -12.43 12.75 14.78
CA LEU A 194 -13.81 12.74 14.32
C LEU A 194 -13.86 12.12 12.93
N PHE A 195 -14.91 11.36 12.68
CA PHE A 195 -15.23 10.87 11.34
C PHE A 195 -16.75 10.86 11.19
N PHE A 196 -17.23 11.32 10.05
CA PHE A 196 -18.65 11.30 9.75
C PHE A 196 -18.87 11.18 8.25
N ASP A 197 -20.02 10.64 7.90
CA ASP A 197 -20.44 10.49 6.50
C ASP A 197 -21.95 10.53 6.48
N ASP A 198 -22.52 10.63 5.28
CA ASP A 198 -23.96 10.66 5.10
C ASP A 198 -24.63 11.73 5.95
N LEU A 199 -23.93 12.85 6.17
CA LEU A 199 -24.44 13.89 7.06
C LEU A 199 -25.45 14.77 6.33
N ASN A 200 -26.73 14.56 6.66
CA ASN A 200 -27.81 15.37 6.13
C ASN A 200 -29.04 15.38 7.04
N GLU A 201 -28.81 15.17 8.33
CA GLU A 201 -29.90 15.11 9.30
C GLU A 201 -30.33 16.49 9.75
N TRP A 202 -29.52 17.49 9.44
CA TRP A 202 -29.82 18.88 9.71
C TRP A 202 -30.03 19.57 8.38
N PRO A 203 -30.59 20.77 8.41
CA PRO A 203 -30.65 21.49 7.13
C PRO A 203 -29.28 21.75 6.54
N PHE A 204 -29.25 21.91 5.22
CA PHE A 204 -27.98 22.13 4.52
C PHE A 204 -27.06 23.14 5.21
N GLU A 205 -27.61 24.29 5.57
CA GLU A 205 -26.80 25.37 6.13
C GLU A 205 -26.15 24.98 7.45
N LYS A 206 -26.84 24.19 8.27
CA LYS A 206 -26.26 23.71 9.53
C LYS A 206 -25.18 22.67 9.27
N CYS A 207 -25.41 21.76 8.33
CA CYS A 207 -24.38 20.81 7.97
C CYS A 207 -23.13 21.52 7.43
N PHE A 208 -23.34 22.55 6.60
CA PHE A 208 -22.23 23.35 6.08
C PHE A 208 -21.46 24.03 7.21
N GLU A 209 -22.18 24.61 8.19
CA GLU A 209 -21.50 25.20 9.34
C GLU A 209 -20.67 24.18 10.12
N PHE A 210 -21.17 22.95 10.22
CA PHE A 210 -20.47 21.90 10.91
C PHE A 210 -19.15 21.56 10.22
N VAL A 211 -19.16 21.37 8.90
CA VAL A 211 -17.91 21.05 8.20
C VAL A 211 -16.95 22.25 8.25
N GLN A 212 -17.47 23.47 8.28
CA GLN A 212 -16.60 24.63 8.50
C GLN A 212 -15.90 24.57 9.87
N ALA A 213 -16.67 24.18 10.89
CA ALA A 213 -16.13 24.04 12.24
C ALA A 213 -15.10 22.90 12.31
N VAL A 214 -15.39 21.81 11.60
CA VAL A 214 -14.44 20.70 11.52
C VAL A 214 -13.15 21.16 10.84
N GLY A 215 -13.26 21.89 9.73
CA GLY A 215 -12.05 22.35 9.05
C GLY A 215 -11.17 23.27 9.88
N LYS A 216 -11.79 24.29 10.50
CA LYS A 216 -11.11 25.14 11.49
C LYS A 216 -10.52 24.36 12.64
N GLY A 217 -11.31 23.43 13.16
CA GLY A 217 -10.96 22.60 14.29
C GLY A 217 -9.70 21.82 14.02
N TYR A 218 -9.52 21.36 12.78
CA TYR A 218 -8.29 20.64 12.46
C TYR A 218 -7.07 21.49 12.80
N MET A 219 -7.08 22.75 12.41
CA MET A 219 -5.93 23.61 12.71
C MET A 219 -5.77 23.83 14.22
N ASP A 220 -6.89 24.08 14.90
CA ASP A 220 -6.85 24.31 16.32
C ASP A 220 -6.37 23.08 17.12
N ALA A 221 -6.64 21.90 16.58
CA ALA A 221 -6.28 20.63 17.23
C ALA A 221 -4.82 20.29 16.95
N TYR A 222 -4.40 20.46 15.69
CA TYR A 222 -3.07 19.92 15.27
C TYR A 222 -1.91 20.91 15.41
N ILE A 223 -2.15 22.17 15.05
CA ILE A 223 -1.05 23.13 14.98
C ILE A 223 -0.36 23.35 16.34
N PRO A 224 -1.12 23.38 17.45
CA PRO A 224 -0.42 23.54 18.72
C PRO A 224 0.51 22.37 19.03
N ILE A 225 0.15 21.18 18.60
CA ILE A 225 0.96 19.99 18.81
C ILE A 225 2.23 20.10 17.96
N VAL A 226 2.07 20.50 16.71
CA VAL A 226 3.25 20.76 15.85
C VAL A 226 4.18 21.77 16.52
N ASN A 227 3.62 22.90 16.95
CA ASN A 227 4.43 23.95 17.60
C ASN A 227 5.19 23.43 18.84
N ARG A 228 4.51 22.61 19.63
CA ARG A 228 5.06 22.11 20.89
C ARG A 228 6.13 21.04 20.70
N ARG A 229 6.02 20.22 19.65
CA ARG A 229 6.84 19.02 19.47
C ARG A 229 7.91 19.11 18.38
N LYS A 230 7.85 20.15 17.55
CA LYS A 230 8.72 20.18 16.40
C LYS A 230 10.23 20.25 16.72
N ASN A 231 10.58 20.85 17.84
CA ASN A 231 12.00 21.02 18.23
C ASN A 231 12.54 19.87 19.11
N THR A 232 11.70 18.86 19.35
CA THR A 232 12.12 17.77 20.22
C THR A 232 13.25 16.97 19.60
N PRO A 233 14.35 16.73 20.36
CA PRO A 233 15.42 15.87 19.86
C PRO A 233 14.94 14.51 19.35
N TYR A 234 15.54 14.02 18.27
CA TYR A 234 15.27 12.66 17.82
C TYR A 234 16.51 11.97 17.31
N THR A 235 16.43 10.64 17.28
CA THR A 235 17.54 9.78 16.92
C THR A 235 17.24 8.94 15.68
N GLU A 236 18.29 8.34 15.14
CA GLU A 236 18.15 7.45 13.99
C GLU A 236 17.22 6.28 14.31
N GLN A 237 17.33 5.74 15.52
CA GLN A 237 16.46 4.64 15.95
C GLN A 237 14.99 5.06 15.94
N GLN A 238 14.72 6.31 16.35
CA GLN A 238 13.35 6.79 16.39
C GLN A 238 12.79 6.99 14.99
N VAL A 239 13.65 7.39 14.06
CA VAL A 239 13.24 7.50 12.66
C VAL A 239 12.96 6.10 12.07
N GLU A 240 13.76 5.11 12.44
CA GLU A 240 13.51 3.75 11.98
C GLU A 240 12.14 3.28 12.45
N PHE A 241 11.84 3.53 13.73
CA PHE A 241 10.53 3.15 14.30
C PHE A 241 9.40 3.87 13.55
N GLN A 242 9.61 5.17 13.31
CA GLN A 242 8.65 5.98 12.59
C GLN A 242 8.35 5.34 11.21
N GLU A 243 9.39 4.84 10.55
CA GLU A 243 9.23 4.20 9.25
C GLU A 243 8.49 2.85 9.29
N PHE A 244 8.81 2.01 10.29
CA PHE A 244 8.02 0.80 10.50
C PHE A 244 6.56 1.15 10.77
N ARG A 245 6.31 2.16 11.60
CA ARG A 245 4.93 2.59 11.88
C ARG A 245 4.26 3.11 10.60
N ARG A 246 5.03 3.78 9.74
CA ARG A 246 4.49 4.33 8.48
C ARG A 246 4.12 3.22 7.51
N GLY A 247 4.69 2.03 7.68
CA GLY A 247 4.21 0.86 6.92
C GLY A 247 2.76 0.54 7.26
N ARG A 248 2.42 0.66 8.54
CA ARG A 248 1.03 0.46 8.97
C ARG A 248 0.10 1.48 8.30
N TYR A 249 0.58 2.72 8.15
CA TYR A 249 -0.22 3.81 7.60
C TYR A 249 -0.49 3.55 6.11
N ALA A 250 0.56 3.17 5.39
CA ALA A 250 0.46 2.83 3.96
C ALA A 250 -0.53 1.68 3.77
N GLU A 251 -0.43 0.66 4.63
CA GLU A 251 -1.36 -0.47 4.56
C GLU A 251 -2.80 -0.01 4.70
N PHE A 252 -3.09 0.84 5.68
CA PHE A 252 -4.47 1.28 5.85
C PHE A 252 -4.97 1.95 4.56
N ASN A 253 -4.18 2.88 4.03
CA ASN A 253 -4.65 3.66 2.90
C ASN A 253 -4.78 2.86 1.61
N LEU A 254 -3.89 1.86 1.45
CA LEU A 254 -3.88 1.09 0.20
C LEU A 254 -4.82 -0.13 0.23
N VAL A 255 -4.99 -0.71 1.41
CA VAL A 255 -5.83 -1.90 1.56
C VAL A 255 -7.29 -1.59 1.93
N ILE A 256 -7.48 -0.62 2.82
CA ILE A 256 -8.78 -0.42 3.47
C ILE A 256 -9.49 0.88 3.11
N ASP A 257 -8.75 1.98 3.00
CA ASP A 257 -9.42 3.29 2.90
C ASP A 257 -10.34 3.37 1.67
N ARG A 258 -11.61 3.70 1.91
CA ARG A 258 -12.61 3.70 0.83
C ARG A 258 -12.41 4.82 -0.18
N GLY A 259 -12.10 6.02 0.31
CA GLY A 259 -11.87 7.15 -0.57
C GLY A 259 -10.70 6.89 -1.52
N THR A 260 -9.63 6.33 -0.99
CA THR A 260 -8.46 6.00 -1.81
C THR A 260 -8.83 5.01 -2.91
N LYS A 261 -9.50 3.93 -2.53
CA LYS A 261 -9.95 2.93 -3.50
C LYS A 261 -10.83 3.52 -4.58
N PHE A 262 -11.79 4.33 -4.17
CA PHE A 262 -12.74 4.88 -5.12
C PHE A 262 -12.05 5.84 -6.10
N GLY A 263 -11.11 6.63 -5.59
CA GLY A 263 -10.33 7.51 -6.44
C GLY A 263 -9.55 6.74 -7.50
N LEU A 264 -8.82 5.73 -7.06
CA LEU A 264 -7.98 4.95 -7.96
C LEU A 264 -8.81 4.16 -8.96
N GLN A 265 -9.93 3.58 -8.51
CA GLN A 265 -10.81 2.83 -9.40
C GLN A 265 -11.47 3.73 -10.46
N SER A 266 -11.70 4.99 -10.11
CA SER A 266 -12.48 5.93 -10.93
C SER A 266 -11.64 6.71 -11.93
N GLY A 267 -10.32 6.49 -11.92
CA GLY A 267 -9.42 7.18 -12.83
C GLY A 267 -9.06 8.58 -12.38
N GLY A 268 -9.09 8.80 -11.06
CA GLY A 268 -8.67 10.08 -10.48
C GLY A 268 -7.17 10.30 -10.64
N ARG A 269 -6.71 11.52 -10.35
CA ARG A 269 -5.30 11.85 -10.50
C ARG A 269 -4.48 11.12 -9.43
N THR A 270 -3.72 10.12 -9.87
CA THR A 270 -3.01 9.23 -8.94
C THR A 270 -2.21 9.95 -7.86
N GLU A 271 -1.34 10.88 -8.26
CA GLU A 271 -0.46 11.52 -7.29
C GLU A 271 -1.24 12.40 -6.31
N SER A 272 -2.38 12.92 -6.73
CA SER A 272 -3.27 13.65 -5.81
C SER A 272 -3.95 12.70 -4.81
N ILE A 273 -4.39 11.54 -5.26
CA ILE A 273 -5.01 10.57 -4.38
C ILE A 273 -4.00 10.04 -3.36
N LEU A 274 -2.76 9.82 -3.82
CA LEU A 274 -1.74 9.12 -3.02
C LEU A 274 -0.83 10.05 -2.21
N ILE A 275 -1.22 11.32 -2.06
CA ILE A 275 -0.55 12.23 -1.10
C ILE A 275 -0.49 11.63 0.30
N SER A 276 -1.40 10.71 0.62
CA SER A 276 -1.46 10.10 1.94
C SER A 276 -0.27 9.22 2.27
N LEU A 277 0.45 8.74 1.26
CA LEU A 277 1.49 7.75 1.51
C LEU A 277 2.72 8.38 2.15
N PRO A 278 3.38 7.63 3.05
CA PRO A 278 4.49 8.21 3.79
C PRO A 278 5.71 8.37 2.90
N PRO A 279 6.58 9.33 3.22
CA PRO A 279 7.79 9.50 2.40
C PRO A 279 8.71 8.28 2.39
N ARG A 280 8.83 7.60 3.54
CA ARG A 280 9.55 6.34 3.65
C ARG A 280 8.83 5.42 4.63
N ALA A 281 8.77 4.14 4.27
CA ALA A 281 8.15 3.11 5.11
C ALA A 281 9.05 1.90 5.15
N ARG A 282 8.97 1.14 6.24
CA ARG A 282 9.69 -0.12 6.36
C ARG A 282 8.68 -1.21 6.69
N TRP A 283 8.95 -2.41 6.19
CA TRP A 283 8.23 -3.62 6.57
C TRP A 283 9.23 -4.68 6.98
N GLY A 284 8.98 -5.31 8.12
CA GLY A 284 9.80 -6.43 8.55
C GLY A 284 8.93 -7.60 8.95
N TYR A 285 9.39 -8.81 8.64
CA TYR A 285 8.66 -10.03 8.99
C TYR A 285 8.51 -10.11 10.51
N ASN A 286 7.27 -10.17 10.97
CA ASN A 286 6.93 -10.23 12.39
C ASN A 286 7.42 -9.04 13.20
N TRP A 287 7.66 -7.90 12.55
CA TRP A 287 8.18 -6.77 13.28
C TRP A 287 7.15 -6.32 14.32
N GLN A 288 7.61 -6.18 15.56
CA GLN A 288 6.84 -5.55 16.64
C GLN A 288 7.87 -4.88 17.53
N PRO A 289 7.51 -3.74 18.14
CA PRO A 289 8.45 -3.14 19.07
C PRO A 289 8.65 -4.01 20.28
N GLU A 290 9.82 -3.87 20.90
CA GLU A 290 10.14 -4.64 22.09
C GLU A 290 9.28 -4.19 23.26
N PRO A 291 8.57 -5.12 23.91
CA PRO A 291 7.73 -4.74 25.05
C PRO A 291 8.48 -3.96 26.10
N GLY A 292 7.84 -2.93 26.65
CA GLY A 292 8.43 -2.14 27.74
C GLY A 292 9.36 -1.03 27.28
N THR A 293 9.50 -0.86 25.98
CA THR A 293 10.36 0.18 25.44
C THR A 293 9.48 1.38 25.07
N PRO A 294 10.10 2.55 24.82
CA PRO A 294 9.28 3.70 24.41
C PRO A 294 8.51 3.44 23.12
N GLU A 295 9.10 2.65 22.23
CA GLU A 295 8.46 2.27 20.97
C GLU A 295 7.21 1.42 21.19
N ALA A 296 7.17 0.63 22.25
CA ALA A 296 5.99 -0.19 22.53
C ALA A 296 4.82 0.59 23.15
N ARG A 297 5.06 1.80 23.65
CA ARG A 297 4.01 2.50 24.37
C ARG A 297 2.80 2.77 23.49
N LEU A 298 3.04 3.09 22.21
CA LEU A 298 1.96 3.45 21.31
C LEU A 298 0.90 2.36 21.30
N THR A 299 1.33 1.11 21.10
CA THR A 299 0.40 -0.02 21.04
C THR A 299 -0.04 -0.56 22.40
N GLU A 300 0.84 -0.48 23.39
CA GLU A 300 0.52 -0.94 24.73
C GLU A 300 -0.53 -0.08 25.43
N TYR A 301 -0.46 1.24 25.23
CA TYR A 301 -1.31 2.17 26.00
C TYR A 301 -2.20 3.03 25.09
N PHE A 302 -1.60 3.71 24.11
CA PHE A 302 -2.31 4.79 23.40
C PHE A 302 -3.40 4.32 22.44
N LEU A 303 -3.10 3.34 21.61
CA LEU A 303 -4.03 2.95 20.53
C LEU A 303 -5.35 2.36 21.04
N THR A 304 -5.32 1.70 22.19
CA THR A 304 -6.51 1.08 22.76
C THR A 304 -7.14 1.85 23.91
N LYS A 305 -6.64 3.05 24.19
CA LYS A 305 -7.23 3.84 25.26
C LYS A 305 -8.63 4.31 24.88
N ARG A 306 -8.71 4.98 23.73
CA ARG A 306 -9.99 5.43 23.13
C ARG A 306 -10.91 6.19 24.08
N GLN A 307 -10.31 6.93 24.99
CA GLN A 307 -11.06 7.76 25.92
C GLN A 307 -10.13 8.87 26.30
N TRP A 308 -10.35 10.06 25.75
CA TRP A 308 -9.43 11.16 25.92
C TRP A 308 -10.03 12.43 26.56
N VAL A 309 -11.36 12.51 26.69
CA VAL A 309 -11.96 13.66 27.36
C VAL A 309 -13.16 13.21 28.17
N MET B 9 -8.89 -38.01 -5.10
CA MET B 9 -7.46 -37.68 -5.38
C MET B 9 -6.66 -37.45 -4.11
N SER B 10 -6.98 -38.19 -3.04
CA SER B 10 -6.29 -38.01 -1.76
C SER B 10 -4.79 -38.29 -1.87
N LEU B 11 -4.44 -39.36 -2.58
CA LEU B 11 -3.04 -39.68 -2.87
C LEU B 11 -2.40 -38.64 -3.78
N ALA B 12 -3.15 -38.19 -4.79
CA ALA B 12 -2.68 -37.16 -5.72
C ALA B 12 -2.44 -35.83 -5.02
N VAL B 13 -3.37 -35.44 -4.15
CA VAL B 13 -3.26 -34.19 -3.39
C VAL B 13 -2.09 -34.25 -2.41
N GLU B 14 -1.89 -35.41 -1.78
CA GLU B 14 -0.73 -35.62 -0.91
C GLU B 14 0.58 -35.64 -1.71
N ALA B 15 0.53 -36.16 -2.95
CA ALA B 15 1.68 -36.05 -3.84
C ALA B 15 2.01 -34.58 -4.15
N VAL B 16 0.98 -33.76 -4.35
CA VAL B 16 1.20 -32.34 -4.58
C VAL B 16 1.78 -31.71 -3.32
N LYS B 17 1.24 -32.04 -2.15
CA LYS B 17 1.78 -31.54 -0.89
C LYS B 17 3.26 -31.91 -0.70
N ASP B 18 3.61 -33.16 -0.97
CA ASP B 18 5.00 -33.60 -0.80
C ASP B 18 5.94 -32.85 -1.73
N PHE B 19 5.49 -32.61 -2.96
CA PHE B 19 6.27 -31.83 -3.92
C PHE B 19 6.48 -30.40 -3.44
N LEU B 20 5.42 -29.77 -2.96
CA LEU B 20 5.48 -28.37 -2.52
C LEU B 20 6.44 -28.17 -1.33
N LEU B 21 6.42 -29.10 -0.39
CA LEU B 21 7.32 -29.02 0.77
C LEU B 21 8.77 -29.17 0.33
N LYS B 22 9.01 -30.11 -0.59
CA LYS B 22 10.34 -30.32 -1.15
C LYS B 22 10.79 -29.13 -1.98
N LEU B 23 9.86 -28.57 -2.76
CA LEU B 23 10.16 -27.39 -3.58
C LEU B 23 10.60 -26.24 -2.69
N GLN B 24 9.90 -26.03 -1.58
CA GLN B 24 10.26 -24.98 -0.63
C GLN B 24 11.68 -25.22 -0.09
N ASP B 25 11.95 -26.46 0.32
CA ASP B 25 13.29 -26.83 0.76
C ASP B 25 14.32 -26.50 -0.32
N ASP B 26 14.06 -26.93 -1.55
CA ASP B 26 15.03 -26.82 -2.64
C ASP B 26 15.29 -25.36 -3.02
N ILE B 27 14.23 -24.56 -3.09
CA ILE B 27 14.38 -23.13 -3.39
C ILE B 27 15.17 -22.43 -2.29
N CYS B 28 14.85 -22.74 -1.04
CA CYS B 28 15.56 -22.14 0.09
C CYS B 28 17.05 -22.49 0.04
N GLU B 29 17.34 -23.76 -0.26
CA GLU B 29 18.73 -24.21 -0.31
C GLU B 29 19.48 -23.48 -1.41
N ALA B 30 18.85 -23.36 -2.57
CA ALA B 30 19.46 -22.70 -3.72
C ALA B 30 19.75 -21.22 -3.44
N LEU B 31 18.82 -20.52 -2.80
CA LEU B 31 19.02 -19.10 -2.50
C LEU B 31 20.07 -18.93 -1.39
N GLU B 32 20.08 -19.85 -0.43
CA GLU B 32 21.07 -19.83 0.62
C GLU B 32 22.47 -20.02 0.06
N ALA B 33 22.58 -20.82 -1.00
CA ALA B 33 23.87 -21.10 -1.60
C ALA B 33 24.42 -19.87 -2.34
N GLU B 34 23.54 -19.13 -3.00
CA GLU B 34 23.92 -17.92 -3.71
C GLU B 34 24.32 -16.83 -2.76
N ASP B 35 23.49 -16.65 -1.75
CA ASP B 35 23.79 -15.67 -0.74
C ASP B 35 25.04 -16.19 -0.08
N GLY B 36 24.95 -17.41 0.45
CA GLY B 36 26.05 -18.12 1.10
C GLY B 36 26.50 -17.52 2.43
N GLN B 37 25.75 -16.52 2.90
CA GLN B 37 26.08 -15.80 4.13
C GLN B 37 24.88 -15.93 5.05
N ALA B 38 23.74 -15.38 4.64
CA ALA B 38 22.49 -15.51 5.43
C ALA B 38 21.76 -16.83 5.16
N THR B 39 20.85 -17.19 6.07
CA THR B 39 20.06 -18.43 6.01
C THR B 39 18.54 -18.19 6.20
N PHE B 40 17.74 -19.18 5.84
CA PHE B 40 16.29 -19.09 6.07
C PHE B 40 15.94 -19.60 7.45
N VAL B 41 15.27 -18.75 8.23
CA VAL B 41 14.74 -19.12 9.55
C VAL B 41 13.26 -19.46 9.40
N GLU B 42 12.86 -20.58 10.00
CA GLU B 42 11.53 -21.13 9.80
C GLU B 42 10.57 -20.81 10.92
N ASP B 43 9.38 -20.35 10.53
CA ASP B 43 8.28 -20.10 11.45
C ASP B 43 7.12 -21.04 11.05
N LYS B 44 6.90 -22.07 11.87
CA LYS B 44 5.82 -23.04 11.64
C LYS B 44 4.59 -22.65 12.43
N TRP B 45 3.42 -22.77 11.80
CA TRP B 45 2.16 -22.32 12.41
C TRP B 45 0.98 -23.20 12.00
N THR B 46 -0.13 -23.06 12.73
CA THR B 46 -1.33 -23.88 12.50
C THR B 46 -2.59 -23.16 12.97
N GLY B 52 -2.40 -25.07 8.23
CA GLY B 52 -1.20 -24.45 8.77
C GLY B 52 -0.20 -24.11 7.68
N GLY B 53 1.04 -23.86 8.10
CA GLY B 53 2.06 -23.47 7.15
C GLY B 53 3.46 -23.38 7.72
N ARG B 54 4.38 -23.15 6.80
CA ARG B 54 5.80 -23.06 7.09
C ARG B 54 6.29 -21.80 6.38
N THR B 55 6.54 -20.74 7.14
CA THR B 55 7.04 -19.49 6.56
C THR B 55 8.54 -19.38 6.84
N ARG B 56 9.33 -19.27 5.78
CA ARG B 56 10.79 -19.20 5.88
C ARG B 56 11.28 -17.86 5.38
N VAL B 57 12.03 -17.17 6.23
CA VAL B 57 12.47 -15.82 5.94
C VAL B 57 13.98 -15.67 6.07
N MET B 58 14.54 -14.92 5.13
CA MET B 58 15.96 -14.59 5.11
C MET B 58 16.08 -13.08 5.17
N VAL B 59 16.92 -12.58 6.08
CA VAL B 59 17.20 -11.15 6.12
C VAL B 59 18.71 -10.84 6.18
N ASP B 60 19.07 -9.69 5.64
CA ASP B 60 20.43 -9.14 5.77
C ASP B 60 21.56 -10.07 5.37
N GLY B 61 21.42 -10.69 4.20
CA GLY B 61 22.48 -11.54 3.67
C GLY B 61 23.47 -10.75 2.84
N ALA B 62 24.40 -11.46 2.22
CA ALA B 62 25.32 -10.85 1.27
C ALA B 62 24.51 -10.30 0.09
N VAL B 63 23.43 -11.01 -0.25
CA VAL B 63 22.66 -10.78 -1.46
C VAL B 63 21.20 -10.44 -1.15
N ILE B 64 20.57 -11.26 -0.33
CA ILE B 64 19.13 -11.11 -0.06
C ILE B 64 18.88 -10.21 1.16
N GLU B 65 18.31 -9.02 0.93
CA GLU B 65 17.98 -8.07 2.01
C GLU B 65 16.78 -8.59 2.81
N LYS B 66 15.76 -9.00 2.08
CA LYS B 66 14.55 -9.58 2.64
C LYS B 66 14.03 -10.61 1.65
N GLY B 67 13.87 -11.86 2.09
CA GLY B 67 13.27 -12.86 1.23
C GLY B 67 12.37 -13.77 2.04
N GLY B 68 11.26 -14.17 1.43
CA GLY B 68 10.31 -15.05 2.10
C GLY B 68 9.94 -16.15 1.12
N VAL B 69 9.92 -17.39 1.62
CA VAL B 69 9.43 -18.56 0.89
C VAL B 69 8.43 -19.29 1.79
N ASN B 70 7.16 -19.25 1.40
CA ASN B 70 6.06 -19.76 2.23
C ASN B 70 5.46 -21.02 1.67
N PHE B 71 5.19 -21.97 2.55
CA PHE B 71 4.27 -23.06 2.27
C PHE B 71 3.03 -22.87 3.13
N SER B 72 1.85 -22.99 2.53
CA SER B 72 0.59 -22.97 3.27
C SER B 72 -0.36 -24.08 2.83
N HIS B 73 -1.16 -24.55 3.77
CA HIS B 73 -2.18 -25.57 3.53
C HIS B 73 -3.43 -25.16 4.31
N VAL B 74 -4.44 -24.67 3.59
CA VAL B 74 -5.60 -24.00 4.19
C VAL B 74 -6.91 -24.73 3.91
N TYR B 75 -7.82 -24.70 4.88
CA TYR B 75 -9.17 -25.29 4.74
C TYR B 75 -10.25 -24.24 5.02
N GLY B 92 -19.45 -19.39 -0.84
CA GLY B 92 -20.10 -20.43 -0.07
C GLY B 92 -19.82 -21.82 -0.64
N CYS B 93 -18.66 -22.35 -0.32
CA CYS B 93 -18.29 -23.70 -0.75
C CYS B 93 -16.99 -24.12 -0.06
N ASN B 94 -16.96 -25.35 0.45
CA ASN B 94 -15.78 -25.86 1.17
C ASN B 94 -14.61 -26.10 0.25
N PHE B 95 -13.43 -25.64 0.66
CA PHE B 95 -12.24 -25.76 -0.17
C PHE B 95 -10.98 -26.11 0.62
N GLU B 96 -10.06 -26.77 -0.07
CA GLU B 96 -8.72 -27.02 0.45
C GLU B 96 -7.76 -26.38 -0.54
N ALA B 97 -6.73 -25.72 -0.03
CA ALA B 97 -5.74 -25.12 -0.90
C ALA B 97 -4.36 -25.32 -0.31
N MET B 98 -3.37 -25.49 -1.19
CA MET B 98 -1.99 -25.60 -0.76
C MET B 98 -1.10 -24.96 -1.81
N GLY B 99 -0.02 -24.36 -1.37
CA GLY B 99 0.91 -23.80 -2.33
C GLY B 99 2.17 -23.26 -1.69
N VAL B 100 3.11 -22.92 -2.56
CA VAL B 100 4.34 -22.21 -2.20
C VAL B 100 4.30 -20.85 -2.87
N SER B 101 4.66 -19.82 -2.12
CA SER B 101 4.72 -18.45 -2.62
C SER B 101 6.01 -17.84 -2.10
N LEU B 102 6.65 -17.01 -2.91
CA LEU B 102 7.93 -16.41 -2.52
C LEU B 102 8.13 -15.07 -3.16
N VAL B 103 8.83 -14.20 -2.44
CA VAL B 103 9.27 -12.91 -2.96
C VAL B 103 10.66 -12.65 -2.41
N ILE B 104 11.58 -12.30 -3.30
CA ILE B 104 12.97 -12.04 -2.96
C ILE B 104 13.29 -10.60 -3.29
N HIS B 105 13.73 -9.86 -2.27
CA HIS B 105 14.17 -8.46 -2.40
C HIS B 105 15.65 -8.35 -2.11
N PRO B 106 16.46 -8.26 -3.18
CA PRO B 106 17.91 -8.18 -2.97
C PRO B 106 18.36 -6.83 -2.40
N LYS B 107 19.49 -6.84 -1.72
CA LYS B 107 20.11 -5.62 -1.25
C LYS B 107 20.60 -4.76 -2.43
N ASN B 108 21.23 -5.41 -3.41
CA ASN B 108 21.87 -4.71 -4.51
C ASN B 108 20.83 -4.33 -5.58
N PRO B 109 20.68 -3.01 -5.86
CA PRO B 109 19.71 -2.57 -6.89
C PRO B 109 19.94 -3.23 -8.26
N HIS B 110 21.14 -3.74 -8.51
CA HIS B 110 21.41 -4.41 -9.78
C HIS B 110 20.93 -5.85 -9.88
N VAL B 111 20.43 -6.40 -8.77
CA VAL B 111 19.81 -7.72 -8.77
C VAL B 111 18.30 -7.51 -8.67
N PRO B 112 17.55 -8.00 -9.68
CA PRO B 112 16.12 -7.77 -9.64
C PRO B 112 15.41 -8.44 -8.49
N THR B 113 14.32 -7.82 -8.04
CA THR B 113 13.35 -8.51 -7.20
C THR B 113 12.73 -9.63 -8.05
N SER B 114 12.30 -10.71 -7.42
CA SER B 114 11.56 -11.75 -8.11
C SER B 114 10.46 -12.32 -7.22
N HIS B 115 9.55 -13.04 -7.87
CA HIS B 115 8.42 -13.64 -7.23
C HIS B 115 8.07 -14.92 -7.97
N ALA B 116 7.59 -15.89 -7.21
CA ALA B 116 7.07 -17.11 -7.79
C ALA B 116 5.96 -17.66 -6.91
N ASN B 117 5.08 -18.45 -7.54
CA ASN B 117 3.96 -19.12 -6.87
C ASN B 117 3.62 -20.42 -7.59
N VAL B 118 3.28 -21.45 -6.83
CA VAL B 118 2.61 -22.63 -7.38
C VAL B 118 1.58 -23.06 -6.36
N ARG B 119 0.37 -23.37 -6.82
CA ARG B 119 -0.70 -23.70 -5.88
C ARG B 119 -1.76 -24.63 -6.46
N LEU B 120 -2.48 -25.29 -5.56
CA LEU B 120 -3.57 -26.18 -5.91
C LEU B 120 -4.78 -25.81 -5.05
N PHE B 121 -5.92 -25.70 -5.71
CA PHE B 121 -7.22 -25.49 -5.07
C PHE B 121 -8.10 -26.69 -5.38
N VAL B 122 -8.78 -27.20 -4.36
CA VAL B 122 -9.76 -28.27 -4.51
C VAL B 122 -11.04 -27.84 -3.83
N ALA B 123 -12.12 -27.70 -4.59
CA ALA B 123 -13.43 -27.36 -4.04
C ALA B 123 -14.32 -28.60 -4.11
N GLU B 124 -14.74 -29.09 -2.94
CA GLU B 124 -15.52 -30.32 -2.85
C GLU B 124 -17.03 -30.06 -2.98
N PRO B 130 -15.94 -31.80 -6.35
CA PRO B 130 -14.56 -32.19 -6.64
C PRO B 130 -13.99 -31.38 -7.81
N VAL B 131 -14.12 -30.06 -7.74
CA VAL B 131 -13.57 -29.17 -8.76
C VAL B 131 -12.20 -28.70 -8.30
N TRP B 132 -11.19 -28.89 -9.15
CA TRP B 132 -9.81 -28.58 -8.80
C TRP B 132 -9.16 -27.74 -9.88
N TRP B 133 -8.15 -26.97 -9.49
CA TRP B 133 -7.34 -26.23 -10.46
C TRP B 133 -5.99 -25.83 -9.86
N PHE B 134 -5.00 -25.67 -10.75
CA PHE B 134 -3.70 -25.16 -10.36
C PHE B 134 -3.56 -23.69 -10.73
N GLY B 135 -2.57 -23.04 -10.11
CA GLY B 135 -2.22 -21.66 -10.43
C GLY B 135 -0.76 -21.43 -10.10
N GLY B 136 -0.20 -20.36 -10.65
CA GLY B 136 1.17 -20.03 -10.33
C GLY B 136 1.88 -19.21 -11.39
N GLY B 137 3.19 -19.26 -11.35
CA GLY B 137 4.02 -18.48 -12.22
C GLY B 137 5.27 -17.96 -11.54
N PHE B 138 6.07 -17.23 -12.30
CA PHE B 138 7.17 -16.48 -11.75
C PHE B 138 7.39 -15.23 -12.62
N ASP B 139 8.00 -14.21 -12.01
CA ASP B 139 8.17 -12.92 -12.67
C ASP B 139 9.36 -12.16 -12.09
N LEU B 140 9.93 -11.29 -12.90
CA LEU B 140 11.15 -10.57 -12.59
C LEU B 140 10.86 -9.09 -12.53
N THR B 141 11.37 -8.43 -11.49
CA THR B 141 11.13 -7.01 -11.24
C THR B 141 12.48 -6.28 -11.10
N PRO B 142 13.07 -5.89 -12.25
CA PRO B 142 14.35 -5.18 -12.19
C PRO B 142 14.22 -3.75 -11.71
N TYR B 143 15.36 -3.17 -11.35
CA TYR B 143 15.49 -1.74 -11.03
C TYR B 143 16.38 -1.14 -12.11
N TYR B 144 17.61 -1.66 -12.19
CA TYR B 144 18.53 -1.37 -13.27
C TYR B 144 18.59 -2.63 -14.14
N ALA B 145 17.81 -2.65 -15.21
CA ALA B 145 17.61 -3.86 -16.00
C ALA B 145 18.75 -4.08 -17.00
N VAL B 146 18.93 -5.35 -17.38
CA VAL B 146 19.88 -5.73 -18.40
C VAL B 146 19.16 -6.59 -19.45
N GLU B 147 19.28 -6.19 -20.71
CA GLU B 147 18.56 -6.86 -21.79
C GLU B 147 18.80 -8.36 -21.79
N GLU B 148 20.07 -8.76 -21.71
CA GLU B 148 20.41 -10.20 -21.77
C GLU B 148 19.76 -10.97 -20.63
N ASP B 149 19.66 -10.37 -19.45
CA ASP B 149 19.05 -11.06 -18.31
C ASP B 149 17.55 -11.27 -18.53
N CYS B 150 16.90 -10.24 -19.06
CA CYS B 150 15.46 -10.30 -19.33
C CYS B 150 15.16 -11.37 -20.36
N ARG B 151 15.98 -11.40 -21.41
CA ARG B 151 15.91 -12.44 -22.44
C ARG B 151 16.13 -13.83 -21.84
N ASP B 152 17.18 -14.01 -21.04
CA ASP B 152 17.46 -15.32 -20.44
C ASP B 152 16.29 -15.81 -19.55
N PHE B 153 15.73 -14.88 -18.77
CA PHE B 153 14.65 -15.18 -17.84
C PHE B 153 13.45 -15.72 -18.64
N HIS B 154 13.12 -15.04 -19.72
CA HIS B 154 12.02 -15.47 -20.58
C HIS B 154 12.31 -16.74 -21.34
N GLN B 155 13.56 -16.93 -21.73
CA GLN B 155 13.96 -18.14 -22.45
C GLN B 155 13.75 -19.36 -21.58
N VAL B 156 14.05 -19.27 -20.29
CA VAL B 156 13.84 -20.41 -19.38
C VAL B 156 12.36 -20.74 -19.33
N ALA B 157 11.54 -19.69 -19.21
CA ALA B 157 10.09 -19.83 -19.25
C ALA B 157 9.60 -20.43 -20.56
N GLN B 158 10.09 -19.92 -21.69
CA GLN B 158 9.65 -20.47 -22.98
C GLN B 158 10.01 -21.95 -23.09
N ASP B 159 11.22 -22.30 -22.67
CA ASP B 159 11.71 -23.67 -22.77
C ASP B 159 10.90 -24.67 -21.94
N LEU B 160 10.55 -24.29 -20.71
CA LEU B 160 9.81 -25.19 -19.84
C LEU B 160 8.36 -25.39 -20.30
N CYS B 161 7.77 -24.40 -20.97
CA CYS B 161 6.37 -24.52 -21.43
C CYS B 161 6.21 -25.37 -22.69
N LYS B 162 7.25 -25.39 -23.52
CA LYS B 162 7.16 -25.98 -24.85
C LYS B 162 6.58 -27.40 -24.90
N PRO B 163 7.02 -28.30 -24.01
CA PRO B 163 6.47 -29.67 -24.09
C PRO B 163 4.99 -29.75 -23.78
N PHE B 164 4.48 -28.76 -23.03
CA PHE B 164 3.08 -28.79 -22.58
C PHE B 164 2.10 -28.27 -23.61
N GLY B 165 2.62 -27.59 -24.64
CA GLY B 165 1.78 -27.08 -25.72
C GLY B 165 2.49 -25.95 -26.44
N ALA B 166 2.30 -25.87 -27.75
CA ALA B 166 2.98 -24.87 -28.56
C ALA B 166 2.62 -23.43 -28.18
N ASP B 167 1.44 -23.22 -27.59
CA ASP B 167 0.97 -21.86 -27.29
C ASP B 167 1.02 -21.51 -25.79
N VAL B 168 1.55 -22.42 -24.97
CA VAL B 168 1.50 -22.25 -23.51
C VAL B 168 2.35 -21.05 -23.09
N TYR B 169 3.60 -20.95 -23.57
CA TYR B 169 4.41 -19.77 -23.25
C TYR B 169 3.68 -18.46 -23.65
N ALA B 170 3.21 -18.38 -24.89
CA ALA B 170 2.55 -17.13 -25.35
C ALA B 170 1.37 -16.76 -24.46
N ARG B 171 0.57 -17.76 -24.11
CA ARG B 171 -0.62 -17.51 -23.33
C ARG B 171 -0.27 -17.02 -21.94
N PHE B 172 0.64 -17.73 -21.27
CA PHE B 172 0.92 -17.42 -19.87
C PHE B 172 1.93 -16.29 -19.67
N LYS B 173 2.74 -16.01 -20.69
CA LYS B 173 3.54 -14.78 -20.71
C LYS B 173 2.62 -13.56 -20.86
N GLY B 174 1.68 -13.64 -21.80
CA GLY B 174 0.70 -12.58 -22.00
C GLY B 174 -0.12 -12.33 -20.75
N TRP B 175 -0.57 -13.40 -20.12
CA TRP B 175 -1.34 -13.29 -18.87
C TRP B 175 -0.50 -12.61 -17.78
N CYS B 176 0.79 -12.94 -17.70
CA CYS B 176 1.69 -12.29 -16.74
C CYS B 176 1.72 -10.78 -17.00
N ASP B 177 1.79 -10.37 -18.27
CA ASP B 177 1.82 -8.95 -18.62
C ASP B 177 0.52 -8.26 -18.22
N GLU B 178 -0.58 -8.97 -18.41
CA GLU B 178 -1.89 -8.37 -18.12
C GLU B 178 -2.15 -8.29 -16.62
N TYR B 179 -1.74 -9.32 -15.88
CA TYR B 179 -1.95 -9.36 -14.43
C TYR B 179 -1.06 -8.39 -13.67
N PHE B 180 0.25 -8.41 -13.94
CA PHE B 180 1.21 -7.61 -13.16
C PHE B 180 1.36 -6.24 -13.77
N PHE B 181 0.27 -5.48 -13.66
CA PHE B 181 0.12 -4.17 -14.27
C PHE B 181 -0.63 -3.30 -13.28
N ILE B 182 -0.16 -2.07 -13.11
CA ILE B 182 -0.84 -1.10 -12.24
C ILE B 182 -1.66 -0.16 -13.13
N PRO B 183 -2.99 -0.40 -13.23
CA PRO B 183 -3.73 0.34 -14.26
C PRO B 183 -3.77 1.84 -14.01
N TYR B 184 -3.92 2.25 -12.75
CA TYR B 184 -4.03 3.67 -12.42
C TYR B 184 -2.72 4.45 -12.65
N ARG B 185 -1.60 3.73 -12.78
CA ARG B 185 -0.32 4.35 -13.18
C ARG B 185 0.08 4.02 -14.62
N ASN B 186 -0.77 3.27 -15.34
CA ASN B 186 -0.45 2.77 -16.69
C ASN B 186 0.97 2.20 -16.78
N GLU B 187 1.31 1.31 -15.85
CA GLU B 187 2.70 0.86 -15.70
C GLU B 187 2.79 -0.61 -15.28
N ALA B 188 3.61 -1.38 -15.99
CA ALA B 188 3.92 -2.75 -15.63
C ALA B 188 4.64 -2.81 -14.31
N ARG B 189 4.47 -3.91 -13.58
CA ARG B 189 5.25 -4.11 -12.36
C ARG B 189 6.71 -4.47 -12.71
N GLY B 190 6.87 -5.34 -13.69
CA GLY B 190 8.21 -5.81 -14.05
C GLY B 190 8.34 -6.15 -15.51
N ILE B 191 9.32 -6.98 -15.83
CA ILE B 191 9.53 -7.39 -17.23
C ILE B 191 8.81 -8.69 -17.60
N GLY B 192 8.05 -9.24 -16.64
CA GLY B 192 7.16 -10.34 -16.93
C GLY B 192 7.73 -11.70 -16.58
N GLY B 193 7.18 -12.71 -17.24
CA GLY B 193 7.46 -14.10 -16.92
C GLY B 193 6.25 -14.93 -17.27
N LEU B 194 5.77 -15.73 -16.31
CA LEU B 194 4.59 -16.58 -16.52
C LEU B 194 3.58 -16.34 -15.42
N PHE B 195 2.30 -16.33 -15.80
CA PHE B 195 1.20 -16.33 -14.84
C PHE B 195 0.11 -17.22 -15.37
N PHE B 196 -0.47 -18.04 -14.49
CA PHE B 196 -1.63 -18.81 -14.85
C PHE B 196 -2.51 -19.05 -13.63
N ASP B 197 -3.79 -19.26 -13.91
CA ASP B 197 -4.75 -19.58 -12.88
C ASP B 197 -5.83 -20.46 -13.52
N ASP B 198 -6.64 -21.10 -12.68
CA ASP B 198 -7.74 -21.95 -13.14
C ASP B 198 -7.26 -23.02 -14.10
N LEU B 199 -6.07 -23.55 -13.84
CA LEU B 199 -5.46 -24.52 -14.73
C LEU B 199 -6.00 -25.92 -14.47
N ASN B 200 -6.87 -26.37 -15.38
CA ASN B 200 -7.38 -27.74 -15.36
C ASN B 200 -7.79 -28.27 -16.75
N GLU B 201 -7.22 -27.67 -17.80
CA GLU B 201 -7.54 -28.06 -19.19
C GLU B 201 -6.92 -29.40 -19.57
N TRP B 202 -5.82 -29.76 -18.91
CA TRP B 202 -5.17 -31.04 -19.10
C TRP B 202 -5.55 -31.99 -17.96
N PRO B 203 -5.23 -33.28 -18.09
CA PRO B 203 -5.40 -34.17 -16.93
C PRO B 203 -4.59 -33.68 -15.71
N PHE B 204 -5.11 -33.98 -14.52
CA PHE B 204 -4.47 -33.60 -13.26
C PHE B 204 -2.96 -33.85 -13.27
N GLU B 205 -2.57 -35.02 -13.78
CA GLU B 205 -1.16 -35.43 -13.81
C GLU B 205 -0.29 -34.44 -14.58
N LYS B 206 -0.78 -34.04 -15.77
CA LYS B 206 -0.07 -33.09 -16.62
C LYS B 206 -0.05 -31.66 -16.02
N CYS B 207 -1.16 -31.23 -15.45
CA CYS B 207 -1.18 -29.94 -14.74
C CYS B 207 -0.18 -29.96 -13.58
N PHE B 208 -0.13 -31.07 -12.85
CA PHE B 208 0.82 -31.21 -11.75
C PHE B 208 2.25 -31.14 -12.30
N GLU B 209 2.53 -31.89 -13.35
CA GLU B 209 3.83 -31.84 -14.01
C GLU B 209 4.22 -30.43 -14.47
N PHE B 210 3.24 -29.67 -14.94
CA PHE B 210 3.49 -28.30 -15.37
C PHE B 210 3.91 -27.41 -14.21
N VAL B 211 3.22 -27.48 -13.08
CA VAL B 211 3.60 -26.65 -11.94
C VAL B 211 4.96 -27.10 -11.37
N GLN B 212 5.29 -28.38 -11.51
CA GLN B 212 6.63 -28.83 -11.15
C GLN B 212 7.66 -28.14 -12.03
N ALA B 213 7.38 -28.06 -13.34
CA ALA B 213 8.28 -27.39 -14.29
C ALA B 213 8.43 -25.91 -13.98
N VAL B 214 7.34 -25.26 -13.61
CA VAL B 214 7.36 -23.83 -13.32
C VAL B 214 8.20 -23.61 -12.05
N GLY B 215 7.99 -24.45 -11.05
CA GLY B 215 8.72 -24.35 -9.78
C GLY B 215 10.22 -24.51 -9.94
N LYS B 216 10.63 -25.55 -10.66
CA LYS B 216 12.05 -25.77 -10.99
C LYS B 216 12.57 -24.61 -11.85
N GLY B 217 11.74 -24.21 -12.81
CA GLY B 217 12.07 -23.15 -13.74
C GLY B 217 12.41 -21.83 -13.07
N TYR B 218 11.75 -21.56 -11.95
CA TYR B 218 12.02 -20.32 -11.22
C TYR B 218 13.50 -20.26 -10.87
N MET B 219 14.03 -21.34 -10.31
CA MET B 219 15.45 -21.36 -9.94
C MET B 219 16.36 -21.21 -11.15
N ASP B 220 16.00 -21.87 -12.26
CA ASP B 220 16.84 -21.84 -13.46
C ASP B 220 16.84 -20.45 -14.08
N ALA B 221 15.72 -19.75 -13.94
CA ALA B 221 15.58 -18.39 -14.51
C ALA B 221 16.26 -17.31 -13.66
N TYR B 222 16.09 -17.40 -12.35
CA TYR B 222 16.49 -16.31 -11.46
C TYR B 222 17.91 -16.43 -10.92
N ILE B 223 18.30 -17.63 -10.53
CA ILE B 223 19.59 -17.78 -9.83
C ILE B 223 20.79 -17.35 -10.66
N PRO B 224 20.80 -17.67 -11.97
CA PRO B 224 21.97 -17.22 -12.73
C PRO B 224 22.10 -15.70 -12.79
N ILE B 225 20.96 -15.01 -12.78
CA ILE B 225 20.94 -13.54 -12.79
C ILE B 225 21.48 -13.00 -11.45
N VAL B 226 21.05 -13.60 -10.34
CA VAL B 226 21.57 -13.26 -9.02
C VAL B 226 23.09 -13.41 -9.01
N ASN B 227 23.57 -14.55 -9.50
CA ASN B 227 25.01 -14.82 -9.49
C ASN B 227 25.81 -13.83 -10.34
N ARG B 228 25.23 -13.44 -11.47
CA ARG B 228 25.89 -12.56 -12.42
C ARG B 228 25.93 -11.11 -11.96
N ARG B 229 24.93 -10.70 -11.19
CA ARG B 229 24.75 -9.28 -10.83
C ARG B 229 25.03 -8.91 -9.36
N LYS B 230 25.12 -9.89 -8.46
CA LYS B 230 25.21 -9.61 -7.03
C LYS B 230 26.42 -8.79 -6.62
N ASN B 231 27.48 -8.84 -7.42
CA ASN B 231 28.71 -8.12 -7.08
C ASN B 231 28.88 -6.80 -7.83
N THR B 232 27.84 -6.37 -8.53
CA THR B 232 27.87 -5.10 -9.24
C THR B 232 27.93 -3.94 -8.23
N PRO B 233 28.91 -3.02 -8.38
CA PRO B 233 28.91 -1.89 -7.45
C PRO B 233 27.65 -1.04 -7.54
N TYR B 234 27.25 -0.46 -6.41
CA TYR B 234 26.12 0.46 -6.41
C TYR B 234 26.33 1.62 -5.45
N THR B 235 25.51 2.65 -5.65
CA THR B 235 25.60 3.88 -4.92
C THR B 235 24.35 4.13 -4.10
N GLU B 236 24.47 5.08 -3.18
CA GLU B 236 23.38 5.48 -2.28
C GLU B 236 22.20 5.97 -3.12
N GLN B 237 22.50 6.66 -4.22
CA GLN B 237 21.45 7.17 -5.12
C GLN B 237 20.70 6.03 -5.81
N GLN B 238 21.42 4.96 -6.16
CA GLN B 238 20.80 3.79 -6.77
C GLN B 238 19.90 3.06 -5.77
N VAL B 239 20.29 3.07 -4.50
CA VAL B 239 19.42 2.52 -3.44
C VAL B 239 18.17 3.39 -3.28
N GLU B 240 18.34 4.70 -3.34
CA GLU B 240 17.16 5.57 -3.26
C GLU B 240 16.15 5.27 -4.38
N PHE B 241 16.64 5.12 -5.61
CA PHE B 241 15.79 4.73 -6.73
C PHE B 241 15.10 3.37 -6.51
N GLN B 242 15.89 2.40 -6.07
CA GLN B 242 15.36 1.10 -5.69
C GLN B 242 14.19 1.24 -4.71
N GLU B 243 14.35 2.09 -3.69
CA GLU B 243 13.29 2.28 -2.69
C GLU B 243 12.04 2.97 -3.27
N PHE B 244 12.22 3.97 -4.13
CA PHE B 244 11.06 4.57 -4.82
C PHE B 244 10.35 3.54 -5.69
N ARG B 245 11.12 2.73 -6.41
CA ARG B 245 10.54 1.66 -7.20
C ARG B 245 9.81 0.64 -6.30
N ARG B 246 10.31 0.42 -5.11
CA ARG B 246 9.68 -0.54 -4.18
C ARG B 246 8.34 -0.01 -3.65
N GLY B 247 8.13 1.31 -3.71
CA GLY B 247 6.79 1.86 -3.46
C GLY B 247 5.81 1.38 -4.50
N ARG B 248 6.23 1.28 -5.76
CA ARG B 248 5.36 0.75 -6.82
C ARG B 248 5.02 -0.71 -6.50
N TYR B 249 5.99 -1.44 -5.99
CA TYR B 249 5.81 -2.86 -5.70
C TYR B 249 4.78 -3.04 -4.59
N ALA B 250 4.95 -2.26 -3.52
CA ALA B 250 4.04 -2.28 -2.41
C ALA B 250 2.63 -1.92 -2.88
N GLU B 251 2.53 -0.92 -3.75
CA GLU B 251 1.21 -0.53 -4.27
C GLU B 251 0.54 -1.68 -4.97
N PHE B 252 1.27 -2.41 -5.82
CA PHE B 252 0.64 -3.50 -6.53
C PHE B 252 0.10 -4.54 -5.55
N ASN B 253 0.95 -4.92 -4.61
CA ASN B 253 0.59 -6.00 -3.67
C ASN B 253 -0.56 -5.63 -2.77
N LEU B 254 -0.64 -4.35 -2.35
CA LEU B 254 -1.64 -3.94 -1.39
C LEU B 254 -2.95 -3.50 -2.03
N VAL B 255 -2.88 -2.97 -3.25
CA VAL B 255 -4.08 -2.42 -3.92
C VAL B 255 -4.69 -3.44 -4.88
N ILE B 256 -3.85 -4.20 -5.56
CA ILE B 256 -4.28 -4.98 -6.71
C ILE B 256 -4.24 -6.49 -6.51
N ASP B 257 -3.16 -6.99 -5.93
CA ASP B 257 -2.88 -8.43 -5.95
C ASP B 257 -4.03 -9.22 -5.34
N ARG B 258 -4.56 -10.18 -6.09
CA ARG B 258 -5.72 -10.94 -5.64
C ARG B 258 -5.43 -11.89 -4.49
N GLY B 259 -4.28 -12.54 -4.54
CA GLY B 259 -3.87 -13.48 -3.50
C GLY B 259 -3.71 -12.80 -2.16
N THR B 260 -3.07 -11.64 -2.18
CA THR B 260 -2.90 -10.84 -0.98
C THR B 260 -4.23 -10.45 -0.38
N LYS B 261 -5.12 -9.90 -1.21
CA LYS B 261 -6.43 -9.46 -0.75
C LYS B 261 -7.27 -10.60 -0.14
N PHE B 262 -7.26 -11.75 -0.79
CA PHE B 262 -8.01 -12.91 -0.31
C PHE B 262 -7.45 -13.42 1.02
N GLY B 263 -6.13 -13.54 1.11
CA GLY B 263 -5.47 -13.94 2.36
C GLY B 263 -5.86 -13.05 3.52
N LEU B 264 -5.82 -11.74 3.31
CA LEU B 264 -6.14 -10.78 4.38
C LEU B 264 -7.61 -10.80 4.75
N GLN B 265 -8.46 -10.98 3.73
CA GLN B 265 -9.92 -11.02 3.93
C GLN B 265 -10.41 -12.29 4.58
N SER B 266 -9.77 -13.42 4.27
CA SER B 266 -10.24 -14.72 4.74
C SER B 266 -9.62 -15.14 6.09
N GLY B 267 -8.86 -14.24 6.72
CA GLY B 267 -8.29 -14.50 8.04
C GLY B 267 -6.96 -15.24 8.01
N GLY B 268 -6.20 -15.06 6.93
CA GLY B 268 -4.90 -15.71 6.81
C GLY B 268 -3.88 -15.07 7.74
N ARG B 269 -2.71 -15.69 7.83
CA ARG B 269 -1.68 -15.20 8.73
C ARG B 269 -1.02 -13.95 8.16
N THR B 270 -1.31 -12.79 8.75
CA THR B 270 -0.88 -11.52 8.19
C THR B 270 0.59 -11.47 7.81
N GLU B 271 1.48 -11.83 8.75
CA GLU B 271 2.91 -11.67 8.48
C GLU B 271 3.40 -12.65 7.40
N SER B 272 2.74 -13.80 7.26
CA SER B 272 3.06 -14.72 6.18
C SER B 272 2.61 -14.16 4.83
N ILE B 273 1.42 -13.58 4.79
CA ILE B 273 0.88 -12.99 3.56
C ILE B 273 1.71 -11.81 3.08
N LEU B 274 2.12 -10.97 4.03
CA LEU B 274 2.78 -9.70 3.70
C LEU B 274 4.32 -9.77 3.66
N ILE B 275 4.89 -10.97 3.63
CA ILE B 275 6.34 -11.13 3.36
C ILE B 275 6.76 -10.53 2.02
N SER B 276 5.78 -10.37 1.14
CA SER B 276 6.04 -9.81 -0.18
C SER B 276 6.45 -8.35 -0.12
N LEU B 277 6.12 -7.65 0.97
CA LEU B 277 6.37 -6.20 1.02
C LEU B 277 7.87 -5.90 1.12
N PRO B 278 8.28 -4.79 0.51
CA PRO B 278 9.71 -4.48 0.50
C PRO B 278 10.23 -4.11 1.88
N PRO B 279 11.52 -4.29 2.12
CA PRO B 279 12.06 -3.91 3.42
C PRO B 279 11.98 -2.40 3.70
N ARG B 280 12.22 -1.60 2.66
CA ARG B 280 12.05 -0.16 2.73
C ARG B 280 11.48 0.33 1.40
N ALA B 281 10.54 1.27 1.46
CA ALA B 281 9.98 1.88 0.26
C ALA B 281 9.92 3.38 0.46
N ARG B 282 9.93 4.12 -0.64
CA ARG B 282 9.72 5.56 -0.58
C ARG B 282 8.58 5.94 -1.50
N TRP B 283 7.89 7.01 -1.15
CA TRP B 283 6.91 7.68 -2.01
C TRP B 283 7.22 9.16 -2.00
N GLY B 284 7.16 9.77 -3.18
CA GLY B 284 7.40 11.19 -3.31
C GLY B 284 6.30 11.72 -4.20
N TYR B 285 5.82 12.91 -3.88
CA TYR B 285 4.79 13.56 -4.66
C TYR B 285 5.30 13.87 -6.08
N ASN B 286 4.62 13.32 -7.08
CA ASN B 286 4.99 13.48 -8.48
C ASN B 286 6.34 12.86 -8.80
N TRP B 287 6.81 11.92 -7.98
CA TRP B 287 8.14 11.33 -8.19
C TRP B 287 8.18 10.59 -9.53
N GLN B 288 9.15 10.96 -10.36
CA GLN B 288 9.38 10.30 -11.65
C GLN B 288 10.85 10.55 -11.97
N PRO B 289 11.58 9.52 -12.41
CA PRO B 289 12.95 9.77 -12.88
C PRO B 289 13.03 10.76 -14.04
N GLU B 290 14.09 11.59 -14.08
CA GLU B 290 14.28 12.48 -15.21
C GLU B 290 14.48 11.64 -16.46
N PRO B 291 13.85 12.04 -17.58
CA PRO B 291 14.05 11.30 -18.82
C PRO B 291 15.52 11.29 -19.23
N GLY B 292 15.93 10.19 -19.84
CA GLY B 292 17.30 10.06 -20.33
C GLY B 292 18.29 9.69 -19.26
N THR B 293 17.81 9.35 -18.07
CA THR B 293 18.64 8.82 -16.99
C THR B 293 18.51 7.31 -17.00
N PRO B 294 19.46 6.60 -16.38
CA PRO B 294 19.24 5.16 -16.38
C PRO B 294 18.06 4.76 -15.51
N GLU B 295 17.71 5.60 -14.54
CA GLU B 295 16.49 5.41 -13.75
C GLU B 295 15.27 5.38 -14.67
N ALA B 296 15.21 6.31 -15.64
CA ALA B 296 14.08 6.38 -16.59
C ALA B 296 14.02 5.21 -17.57
N ARG B 297 15.15 4.61 -17.90
CA ARG B 297 15.16 3.61 -18.97
C ARG B 297 14.29 2.39 -18.60
N LEU B 298 14.21 2.10 -17.31
CA LEU B 298 13.36 1.00 -16.85
C LEU B 298 11.95 1.15 -17.39
N THR B 299 11.35 2.32 -17.20
CA THR B 299 9.98 2.55 -17.61
C THR B 299 9.86 2.98 -19.07
N GLU B 300 10.91 3.59 -19.63
CA GLU B 300 10.91 4.06 -21.02
C GLU B 300 10.99 2.87 -21.98
N TYR B 301 11.76 1.86 -21.61
CA TYR B 301 12.13 0.79 -22.52
C TYR B 301 11.79 -0.60 -21.98
N PHE B 302 12.32 -0.92 -20.81
CA PHE B 302 12.24 -2.31 -20.32
C PHE B 302 10.82 -2.76 -20.01
N LEU B 303 10.05 -1.91 -19.35
CA LEU B 303 8.68 -2.28 -18.95
C LEU B 303 7.71 -2.31 -20.13
N THR B 304 8.06 -1.63 -21.22
CA THR B 304 7.17 -1.52 -22.37
C THR B 304 7.56 -2.44 -23.52
N LYS B 305 8.71 -3.10 -23.44
CA LYS B 305 9.17 -3.93 -24.58
C LYS B 305 8.22 -5.08 -24.88
N ARG B 306 7.89 -5.84 -23.83
CA ARG B 306 6.97 -6.99 -23.96
C ARG B 306 7.20 -7.89 -25.19
N GLN B 307 8.46 -8.17 -25.48
CA GLN B 307 8.81 -9.22 -26.42
C GLN B 307 10.28 -9.50 -26.18
N TRP B 308 10.56 -10.59 -25.46
CA TRP B 308 11.92 -10.90 -25.02
C TRP B 308 12.55 -12.07 -25.74
N VAL B 309 11.75 -12.98 -26.28
CA VAL B 309 12.27 -14.14 -27.01
C VAL B 309 11.50 -14.38 -28.27
C ACT C . -5.83 9.18 5.00
O ACT C . -4.60 9.21 5.38
OXT ACT C . -6.77 8.93 5.82
CH3 ACT C . -6.18 9.46 3.57
C ACT D . 17.99 15.73 16.16
O ACT D . 17.36 15.96 17.19
OXT ACT D . 19.09 15.23 16.36
CH3 ACT D . 17.49 16.00 14.79
C ACT E . -9.99 23.49 -9.95
O ACT E . -9.08 23.86 -10.70
OXT ACT E . -9.84 23.78 -8.74
CH3 ACT E . -11.19 22.76 -10.47
C ACT F . 8.36 23.72 -7.48
O ACT F . 9.08 23.70 -6.46
OXT ACT F . 8.10 24.85 -7.96
CH3 ACT F . 7.81 22.48 -8.11
O2 0PA G . -8.72 13.38 -10.63
C1 0PA G . -9.70 14.13 -10.44
O1 0PA G . -10.19 14.83 -11.32
C2 0PA G . -10.31 14.21 -9.07
C3 0PA G . -9.82 13.06 -8.19
C4 0PA G . -10.81 12.78 -7.05
C5 0PA G . -9.97 12.55 -5.80
C6 0PA G . -8.62 13.18 -6.04
C7 0PA G . -8.46 13.39 -7.55
O2 0PA H . -5.51 10.81 0.39
C1 0PA H . -5.69 12.01 0.13
O1 0PA H . -5.36 12.91 0.95
C2 0PA H . -6.34 12.40 -1.18
C3 0PA H . -7.78 11.89 -1.25
C4 0PA H . -7.89 10.39 -0.97
C5 0PA H . -9.11 9.90 -1.73
C6 0PA H . -9.36 10.91 -2.84
C7 0PA H . -8.41 12.08 -2.63
O2 0PA I . -10.91 14.02 -0.99
C1 0PA I . -11.97 14.68 -1.04
O1 0PA I . -12.50 15.17 -0.03
C2 0PA I . -12.60 14.88 -2.41
C3 0PA I . -14.00 14.30 -2.51
C4 0PA I . -13.94 12.78 -2.71
C5 0PA I . -14.23 12.50 -4.17
C6 0PA I . -14.62 13.82 -4.83
C7 0PA I . -14.71 14.86 -3.74
C ACT J . 3.88 -10.81 -5.12
O ACT J . 4.92 -10.14 -4.88
OXT ACT J . 3.53 -10.98 -6.33
CH3 ACT J . 3.04 -11.44 -4.05
O2 0PA K . -5.70 -18.96 4.83
C1 0PA K . -5.79 -18.11 3.93
O1 0PA K . -6.72 -17.29 3.86
C2 0PA K . -4.71 -18.07 2.87
C3 0PA K . -3.53 -17.28 3.38
C4 0PA K . -2.59 -16.90 2.23
C5 0PA K . -1.16 -17.17 2.68
C6 0PA K . -1.23 -17.88 4.03
C7 0PA K . -2.69 -18.09 4.37
O2 0PA L . 2.71 -13.02 -1.02
C1 0PA L . 3.41 -13.91 -0.48
O1 0PA L . 4.64 -14.01 -0.66
C2 0PA L . 2.69 -14.89 0.42
C3 0PA L . 1.38 -15.29 -0.24
C4 0PA L . 0.63 -14.06 -0.75
C5 0PA L . -0.86 -14.31 -0.54
C6 0PA L . -0.98 -15.58 0.31
C7 0PA L . 0.43 -16.00 0.70
O2 0PA M . 0.49 -18.65 -1.44
C1 0PA M . 0.14 -19.74 -1.92
O1 0PA M . 0.46 -20.12 -3.08
C2 0PA M . -0.69 -20.66 -1.05
C3 0PA M . -2.04 -20.95 -1.66
C4 0PA M . -2.86 -19.67 -1.80
C5 0PA M . -3.88 -19.67 -0.65
C6 0PA M . -3.74 -21.00 0.09
C7 0PA M . -2.80 -21.87 -0.71
#